data_6J19
#
_entry.id   6J19
#
_cell.length_a   81.580
_cell.length_b   129.647
_cell.length_c   64.195
_cell.angle_alpha   90.000
_cell.angle_beta   90.000
_cell.angle_gamma   90.000
#
_symmetry.space_group_name_H-M   'C 2 2 21'
#
loop_
_entity.id
_entity.type
_entity.pdbx_description
1 polymer 'ESX-1 secretion system protein EccCb1'
2 polymer 'ESAT-6-like protein EsxB'
3 non-polymer "ADENOSINE-5'-TRIPHOSPHATE"
4 non-polymer 'MAGNESIUM ION'
5 water water
#
loop_
_entity_poly.entity_id
_entity_poly.type
_entity_poly.pdbx_seq_one_letter_code
_entity_poly.pdbx_strand_id
1 'polypeptide(L)'
;GPGSTEQAPPVRVLPERIHLHELDPNPPGPESDYRTRWEIPIGLRETDLTPAHCHMHTNPHLLIFGAAKSGKTTIAHAIA
RAICARNSPQQVRFMLADYRSGLLDAVPDTHLLGAGAINRNSASLDEAVQALAVNLKKRLPPTDLTTAQLRSRSWWSGFD
VVLLVDDWHMIVGAAGGMPPMAPLAPLLPAAADIGLHIIVTCQMSQAYKATMDKFVGAAFGSGAPTMFLSGEKQEFPSSE
FKVKRRPPGQAFLVSPDGKEVIQAPYIEPPEEVFAAPPSAG
;
A
2 'polypeptide(L)'
;GPGSMAEMKTDAATLAQEAGNFERISGDLKTQIDQVESTAGSLQGQWRGAAGTAAQAAVVRFQEAANKQKQELDEISTNI
RQAGVQYSRADEEQQQALSSQMGF
;
B
#
# COMPACT_ATOMS: atom_id res chain seq x y z
N PRO A 10 19.45 19.65 -18.74
CA PRO A 10 18.07 19.19 -18.92
C PRO A 10 17.90 18.12 -20.00
N VAL A 11 18.80 17.13 -20.01
CA VAL A 11 18.56 15.92 -20.80
C VAL A 11 17.56 15.05 -20.05
N ARG A 12 16.60 14.49 -20.76
CA ARG A 12 15.51 13.64 -20.25
C ARG A 12 15.87 12.17 -20.21
N VAL A 13 16.14 11.64 -19.05
CA VAL A 13 16.60 10.26 -18.98
C VAL A 13 15.44 9.27 -18.79
N LEU A 14 14.38 9.68 -18.12
CA LEU A 14 13.33 8.69 -17.86
C LEU A 14 12.36 8.61 -19.04
N PRO A 15 11.92 7.40 -19.39
CA PRO A 15 10.78 7.28 -20.32
C PRO A 15 9.56 8.01 -19.78
N GLU A 16 8.73 8.51 -20.70
CA GLU A 16 7.44 9.07 -20.32
C GLU A 16 6.47 7.99 -19.86
N ARG A 17 6.67 6.75 -20.28
CA ARG A 17 5.81 5.64 -19.91
C ARG A 17 6.64 4.36 -19.97
N ILE A 18 6.65 3.61 -18.87
CA ILE A 18 7.24 2.28 -18.84
C ILE A 18 6.21 1.32 -18.26
N HIS A 19 5.81 0.34 -19.07
CA HIS A 19 4.85 -0.65 -18.62
C HIS A 19 5.44 -1.48 -17.49
N LEU A 20 4.56 -1.92 -16.58
CA LEU A 20 4.95 -2.86 -15.52
C LEU A 20 5.79 -4.02 -16.07
N HIS A 21 5.37 -4.59 -17.20
CA HIS A 21 6.05 -5.76 -17.75
C HIS A 21 7.46 -5.42 -18.21
N GLU A 22 7.68 -4.18 -18.66
CA GLU A 22 9.04 -3.76 -19.01
C GLU A 22 9.84 -3.45 -17.75
N LEU A 23 9.19 -2.92 -16.70
CA LEU A 23 9.89 -2.68 -15.46
C LEU A 23 10.20 -3.99 -14.74
N ASP A 24 9.33 -4.98 -14.88
CA ASP A 24 9.36 -6.20 -14.10
C ASP A 24 9.15 -7.39 -15.03
N PRO A 25 10.13 -7.65 -15.92
CA PRO A 25 9.92 -8.69 -16.95
C PRO A 25 10.00 -10.11 -16.43
N ASN A 26 10.74 -10.34 -15.35
CA ASN A 26 10.99 -11.71 -14.88
C ASN A 26 10.81 -11.79 -13.37
N PRO A 27 9.59 -11.56 -12.88
CA PRO A 27 9.38 -11.55 -11.44
C PRO A 27 9.56 -12.94 -10.85
N PRO A 28 10.24 -13.06 -9.72
CA PRO A 28 10.26 -14.34 -9.00
C PRO A 28 8.84 -14.72 -8.57
N GLY A 29 8.63 -16.01 -8.35
CA GLY A 29 7.31 -16.53 -8.07
C GLY A 29 7.11 -17.01 -6.65
N PRO A 30 5.93 -17.58 -6.37
CA PRO A 30 5.60 -18.01 -4.99
C PRO A 30 6.59 -18.99 -4.36
N GLU A 31 7.42 -19.68 -5.15
CA GLU A 31 8.39 -20.62 -4.59
C GLU A 31 9.61 -19.94 -3.98
N SER A 32 9.81 -18.65 -4.23
CA SER A 32 10.91 -17.91 -3.63
C SER A 32 10.65 -17.66 -2.13
N ASP A 33 11.71 -17.26 -1.42
CA ASP A 33 11.57 -16.98 0.01
C ASP A 33 10.84 -15.65 0.23
N TYR A 34 10.49 -15.42 1.50
CA TYR A 34 9.63 -14.29 1.85
C TYR A 34 10.25 -12.97 1.42
N ARG A 35 11.55 -12.78 1.69
CA ARG A 35 12.22 -11.52 1.39
C ARG A 35 12.19 -11.22 -0.12
N THR A 36 12.49 -12.23 -0.94
CA THR A 36 12.45 -12.05 -2.39
C THR A 36 11.04 -11.73 -2.86
N ARG A 37 10.04 -12.38 -2.26
CA ARG A 37 8.65 -12.19 -2.68
C ARG A 37 8.10 -10.82 -2.30
N TRP A 38 8.76 -10.10 -1.38
CA TRP A 38 8.31 -8.78 -0.96
C TRP A 38 9.34 -7.69 -1.26
N GLU A 39 10.26 -7.94 -2.20
CA GLU A 39 11.07 -6.87 -2.78
C GLU A 39 10.34 -6.39 -4.02
N ILE A 40 9.52 -5.36 -3.86
CA ILE A 40 8.50 -4.98 -4.84
C ILE A 40 9.03 -3.83 -5.69
N PRO A 41 9.14 -3.98 -7.01
CA PRO A 41 9.58 -2.84 -7.83
C PRO A 41 8.46 -1.81 -7.97
N ILE A 42 8.81 -0.54 -7.78
CA ILE A 42 7.83 0.55 -7.79
C ILE A 42 8.19 1.64 -8.79
N GLY A 43 9.31 1.53 -9.49
CA GLY A 43 9.66 2.54 -10.49
C GLY A 43 11.06 2.35 -11.01
N LEU A 44 11.36 3.09 -12.08
CA LEU A 44 12.69 3.11 -12.68
C LEU A 44 13.45 4.34 -12.21
N ARG A 45 14.66 4.13 -11.70
CA ARG A 45 15.49 5.21 -11.18
C ARG A 45 16.03 6.09 -12.30
N GLU A 46 15.94 7.41 -12.08
CA GLU A 46 16.53 8.35 -13.04
C GLU A 46 18.05 8.30 -13.02
N THR A 47 18.64 7.99 -11.86
CA THR A 47 20.09 8.09 -11.73
C THR A 47 20.81 7.03 -12.55
N ASP A 48 20.31 5.78 -12.53
CA ASP A 48 21.03 4.71 -13.21
C ASP A 48 20.12 3.76 -13.99
N LEU A 49 18.85 4.12 -14.20
CA LEU A 49 17.90 3.33 -14.99
C LEU A 49 17.74 1.90 -14.47
N THR A 50 17.82 1.71 -13.15
CA THR A 50 17.56 0.45 -12.48
C THR A 50 16.23 0.52 -11.72
N PRO A 51 15.60 -0.61 -11.45
CA PRO A 51 14.34 -0.58 -10.69
C PRO A 51 14.57 -0.17 -9.24
N ALA A 52 13.75 0.76 -8.76
CA ALA A 52 13.63 1.03 -7.32
C ALA A 52 12.62 0.06 -6.71
N HIS A 53 12.91 -0.40 -5.49
CA HIS A 53 12.11 -1.41 -4.81
C HIS A 53 11.60 -0.91 -3.46
N CYS A 54 10.36 -1.28 -3.14
CA CYS A 54 9.91 -1.26 -1.75
C CYS A 54 10.39 -2.52 -1.06
N HIS A 55 11.06 -2.35 0.09
CA HIS A 55 11.56 -3.50 0.84
C HIS A 55 10.51 -3.92 1.88
N MET A 56 9.41 -4.45 1.35
CA MET A 56 8.20 -4.64 2.15
C MET A 56 8.28 -5.81 3.12
N HIS A 57 9.34 -6.62 3.04
CA HIS A 57 9.60 -7.61 4.07
C HIS A 57 10.08 -6.99 5.38
N THR A 58 10.39 -5.68 5.36
CA THR A 58 10.96 -4.98 6.50
C THR A 58 10.22 -3.68 6.72
N ASN A 59 10.18 -2.84 5.67
CA ASN A 59 9.40 -1.61 5.68
C ASN A 59 8.09 -1.92 4.96
N PRO A 60 6.96 -2.05 5.67
CA PRO A 60 5.81 -2.74 5.07
C PRO A 60 4.95 -1.91 4.14
N HIS A 61 5.04 -0.58 4.15
CA HIS A 61 4.01 0.24 3.52
C HIS A 61 4.55 1.04 2.33
N LEU A 62 3.62 1.66 1.61
CA LEU A 62 3.93 2.54 0.49
C LEU A 62 2.87 3.65 0.42
N LEU A 63 3.30 4.90 0.30
CA LEU A 63 2.40 6.04 0.17
C LEU A 63 2.60 6.71 -1.18
N ILE A 64 1.51 7.08 -1.83
CA ILE A 64 1.51 7.64 -3.19
C ILE A 64 0.70 8.93 -3.20
N PHE A 65 1.38 10.07 -3.28
CA PHE A 65 0.75 11.38 -3.29
C PHE A 65 0.85 11.99 -4.69
N GLY A 66 -0.27 12.53 -5.20
CA GLY A 66 -0.24 13.12 -6.54
C GLY A 66 -1.41 14.02 -6.83
N ALA A 67 -1.17 15.02 -7.68
CA ALA A 67 -2.23 15.87 -8.17
C ALA A 67 -3.21 15.04 -9.00
N ALA A 68 -4.32 15.69 -9.39
CA ALA A 68 -5.31 15.07 -10.27
C ALA A 68 -4.64 14.51 -11.52
N LYS A 69 -5.00 13.27 -11.85
CA LYS A 69 -4.57 12.58 -13.07
C LYS A 69 -3.05 12.49 -13.21
N SER A 70 -2.35 12.36 -12.09
CA SER A 70 -0.91 12.14 -12.10
C SER A 70 -0.54 10.66 -12.15
N GLY A 71 -1.52 9.76 -12.07
CA GLY A 71 -1.27 8.33 -12.19
C GLY A 71 -1.48 7.52 -10.92
N LYS A 72 -2.07 8.10 -9.87
CA LYS A 72 -2.16 7.40 -8.57
C LYS A 72 -2.80 6.03 -8.70
N THR A 73 -3.97 5.95 -9.34
CA THR A 73 -4.72 4.69 -9.41
C THR A 73 -3.99 3.66 -10.28
N THR A 74 -3.51 4.09 -11.45
CA THR A 74 -2.75 3.19 -12.32
C THR A 74 -1.56 2.59 -11.59
N ILE A 75 -0.79 3.43 -10.88
CA ILE A 75 0.38 2.95 -10.18
C ILE A 75 -0.01 1.96 -9.08
N ALA A 76 -1.08 2.27 -8.34
CA ALA A 76 -1.57 1.33 -7.34
C ALA A 76 -1.93 -0.01 -7.98
N HIS A 77 -2.62 0.04 -9.12
CA HIS A 77 -2.96 -1.16 -9.87
C HIS A 77 -1.70 -1.95 -10.25
N ALA A 78 -0.68 -1.26 -10.76
CA ALA A 78 0.54 -1.94 -11.23
C ALA A 78 1.28 -2.60 -10.07
N ILE A 79 1.45 -1.88 -8.96
CA ILE A 79 2.21 -2.42 -7.84
C ILE A 79 1.48 -3.63 -7.23
N ALA A 80 0.14 -3.57 -7.21
CA ALA A 80 -0.65 -4.71 -6.78
C ALA A 80 -0.39 -5.92 -7.66
N ARG A 81 -0.34 -5.73 -8.98
CA ARG A 81 -0.05 -6.85 -9.87
C ARG A 81 1.36 -7.38 -9.65
N ALA A 82 2.33 -6.50 -9.41
CA ALA A 82 3.68 -6.96 -9.13
C ALA A 82 3.72 -7.84 -7.88
N ILE A 83 2.95 -7.47 -6.85
CA ILE A 83 2.88 -8.28 -5.63
C ILE A 83 2.23 -9.63 -5.92
N CYS A 84 1.15 -9.64 -6.72
CA CYS A 84 0.48 -10.90 -7.01
C CYS A 84 1.33 -11.82 -7.89
N ALA A 85 2.22 -11.25 -8.71
CA ALA A 85 3.08 -12.10 -9.51
C ALA A 85 4.04 -12.89 -8.62
N ARG A 86 4.39 -12.34 -7.47
CA ARG A 86 5.34 -12.95 -6.55
C ARG A 86 4.70 -13.83 -5.48
N ASN A 87 3.39 -13.70 -5.25
CA ASN A 87 2.78 -14.29 -4.08
C ASN A 87 1.48 -15.00 -4.45
N SER A 88 1.34 -16.22 -3.94
CA SER A 88 0.14 -17.03 -4.07
C SER A 88 -0.97 -16.48 -3.18
N PRO A 89 -2.20 -16.99 -3.32
CA PRO A 89 -3.26 -16.57 -2.39
C PRO A 89 -3.04 -17.04 -0.96
N GLN A 90 -2.17 -18.02 -0.75
CA GLN A 90 -1.78 -18.43 0.59
C GLN A 90 -0.71 -17.53 1.18
N GLN A 91 -0.13 -16.64 0.36
CA GLN A 91 0.93 -15.73 0.78
C GLN A 91 0.51 -14.27 0.83
N VAL A 92 -0.54 -13.88 0.11
CA VAL A 92 -1.07 -12.51 0.19
C VAL A 92 -2.56 -12.53 -0.10
N ARG A 93 -3.29 -11.62 0.56
CA ARG A 93 -4.68 -11.32 0.23
C ARG A 93 -4.84 -9.81 0.26
N PHE A 94 -5.76 -9.30 -0.57
CA PHE A 94 -5.97 -7.88 -0.71
C PHE A 94 -7.33 -7.47 -0.14
N MET A 95 -7.35 -6.36 0.59
CA MET A 95 -8.59 -5.66 0.90
C MET A 95 -8.54 -4.29 0.24
N LEU A 96 -9.58 -3.94 -0.50
CA LEU A 96 -9.60 -2.71 -1.28
C LEU A 96 -10.53 -1.68 -0.64
N ALA A 97 -10.05 -0.43 -0.52
CA ALA A 97 -10.89 0.74 -0.27
C ALA A 97 -10.85 1.59 -1.53
N ASP A 98 -11.96 1.61 -2.27
CA ASP A 98 -11.96 2.14 -3.63
C ASP A 98 -13.34 2.73 -3.92
N TYR A 99 -13.57 3.95 -3.41
CA TYR A 99 -14.92 4.51 -3.48
C TYR A 99 -15.32 4.83 -4.91
N ARG A 100 -14.36 5.17 -5.77
CA ARG A 100 -14.67 5.45 -7.16
C ARG A 100 -14.67 4.19 -8.03
N SER A 101 -14.41 3.01 -7.44
CA SER A 101 -14.45 1.75 -8.17
C SER A 101 -13.50 1.75 -9.36
N GLY A 102 -12.34 2.39 -9.18
CA GLY A 102 -11.33 2.38 -10.22
C GLY A 102 -10.29 1.28 -10.09
N LEU A 103 -10.39 0.41 -9.08
CA LEU A 103 -9.44 -0.67 -8.84
C LEU A 103 -10.09 -2.04 -8.80
N LEU A 104 -11.31 -2.18 -9.34
CA LEU A 104 -12.05 -3.43 -9.16
C LEU A 104 -11.34 -4.62 -9.80
N ASP A 105 -10.61 -4.40 -10.90
CA ASP A 105 -9.87 -5.46 -11.57
C ASP A 105 -8.37 -5.37 -11.32
N ALA A 106 -7.95 -4.64 -10.28
CA ALA A 106 -6.53 -4.47 -9.99
C ALA A 106 -5.90 -5.76 -9.51
N VAL A 107 -6.67 -6.62 -8.85
CA VAL A 107 -6.18 -7.84 -8.24
C VAL A 107 -6.99 -9.00 -8.82
N PRO A 108 -6.35 -10.09 -9.25
CA PRO A 108 -7.14 -11.26 -9.65
C PRO A 108 -8.02 -11.72 -8.50
N ASP A 109 -9.21 -12.23 -8.85
CA ASP A 109 -10.17 -12.63 -7.82
C ASP A 109 -9.53 -13.60 -6.82
N THR A 110 -8.60 -14.45 -7.28
CA THR A 110 -7.96 -15.42 -6.40
C THR A 110 -7.28 -14.76 -5.21
N HIS A 111 -6.83 -13.51 -5.37
CA HIS A 111 -5.99 -12.86 -4.38
C HIS A 111 -6.78 -11.86 -3.53
N LEU A 112 -8.09 -11.75 -3.73
CA LEU A 112 -8.91 -10.97 -2.81
C LEU A 112 -9.08 -11.72 -1.50
N LEU A 113 -9.10 -10.98 -0.40
CA LEU A 113 -9.51 -11.53 0.89
C LEU A 113 -10.86 -12.26 0.73
N GLY A 114 -11.03 -13.33 1.50
CA GLY A 114 -12.21 -14.18 1.35
C GLY A 114 -13.53 -13.48 1.63
N ALA A 115 -13.51 -12.45 2.46
CA ALA A 115 -14.70 -11.65 2.70
C ALA A 115 -14.28 -10.22 3.00
N GLY A 116 -15.20 -9.28 2.78
CA GLY A 116 -14.91 -7.88 3.02
C GLY A 116 -13.87 -7.28 2.11
N ALA A 117 -13.70 -7.82 0.90
CA ALA A 117 -12.54 -7.44 0.08
C ALA A 117 -12.76 -6.13 -0.68
N ILE A 118 -13.99 -5.80 -1.06
CA ILE A 118 -14.26 -4.67 -1.97
C ILE A 118 -15.14 -3.69 -1.21
N ASN A 119 -14.61 -2.51 -0.92
CA ASN A 119 -15.29 -1.54 -0.06
C ASN A 119 -15.38 -0.21 -0.79
N ARG A 120 -16.61 0.20 -1.11
CA ARG A 120 -16.84 1.36 -1.97
C ARG A 120 -17.57 2.50 -1.26
N ASN A 121 -17.78 2.39 0.05
CA ASN A 121 -18.42 3.46 0.80
C ASN A 121 -18.00 3.34 2.25
N SER A 122 -18.41 4.33 3.04
CA SER A 122 -18.03 4.38 4.44
C SER A 122 -18.57 3.19 5.22
N ALA A 123 -19.85 2.85 5.01
CA ALA A 123 -20.45 1.78 5.80
C ALA A 123 -19.74 0.45 5.58
N SER A 124 -19.47 0.12 4.32
CA SER A 124 -18.84 -1.17 4.04
C SER A 124 -17.39 -1.18 4.52
N LEU A 125 -16.65 -0.10 4.28
CA LEU A 125 -15.25 -0.06 4.72
C LEU A 125 -15.16 -0.19 6.23
N ASP A 126 -16.00 0.52 6.97
CA ASP A 126 -15.94 0.46 8.43
C ASP A 126 -16.20 -0.97 8.93
N GLU A 127 -17.17 -1.66 8.33
CA GLU A 127 -17.45 -3.04 8.70
C GLU A 127 -16.27 -3.96 8.36
N ALA A 128 -15.71 -3.78 7.16
CA ALA A 128 -14.62 -4.66 6.72
C ALA A 128 -13.37 -4.46 7.57
N VAL A 129 -13.04 -3.22 7.91
CA VAL A 129 -11.80 -2.93 8.62
C VAL A 129 -11.89 -3.40 10.07
N GLN A 130 -13.06 -3.28 10.65
CA GLN A 130 -13.31 -3.79 11.97
C GLN A 130 -13.06 -5.31 11.99
N ALA A 131 -13.62 -6.03 11.05
CA ALA A 131 -13.40 -7.48 10.98
C ALA A 131 -11.94 -7.82 10.71
N LEU A 132 -11.27 -7.06 9.85
CA LEU A 132 -9.85 -7.30 9.60
C LEU A 132 -9.04 -7.14 10.87
N ALA A 133 -9.33 -6.08 11.63
CA ALA A 133 -8.60 -5.83 12.87
C ALA A 133 -8.77 -6.99 13.85
N VAL A 134 -9.97 -7.58 13.92
CA VAL A 134 -10.20 -8.72 14.80
C VAL A 134 -9.23 -9.86 14.46
N ASN A 135 -9.08 -10.16 13.17
CA ASN A 135 -8.17 -11.22 12.75
C ASN A 135 -6.71 -10.84 12.96
N LEU A 136 -6.34 -9.60 12.61
CA LEU A 136 -4.94 -9.19 12.70
C LEU A 136 -4.47 -9.09 14.15
N LYS A 137 -5.39 -8.72 15.06
CA LYS A 137 -5.03 -8.63 16.47
C LYS A 137 -4.58 -9.99 17.02
N LYS A 138 -5.16 -11.08 16.52
CA LYS A 138 -4.75 -12.39 17.01
C LYS A 138 -3.33 -12.76 16.60
N ARG A 139 -2.74 -12.06 15.65
CA ARG A 139 -1.37 -12.29 15.22
C ARG A 139 -0.34 -11.49 16.02
N LEU A 140 -0.78 -10.61 16.92
CA LEU A 140 0.17 -9.84 17.70
C LEU A 140 1.10 -10.80 18.43
N PRO A 141 2.40 -10.51 18.50
CA PRO A 141 3.33 -11.51 19.03
C PRO A 141 3.18 -11.65 20.54
N PRO A 142 3.40 -12.85 21.07
CA PRO A 142 3.55 -12.98 22.53
C PRO A 142 4.68 -12.09 23.01
N THR A 143 4.50 -11.56 24.22
CA THR A 143 5.44 -10.56 24.73
C THR A 143 6.85 -11.10 24.90
N ASP A 144 7.00 -12.40 25.15
CA ASP A 144 8.31 -12.95 25.48
C ASP A 144 9.14 -13.34 24.26
N LEU A 145 8.69 -13.04 23.04
CA LEU A 145 9.43 -13.44 21.86
C LEU A 145 10.72 -12.66 21.72
N THR A 146 11.80 -13.36 21.37
CA THR A 146 13.08 -12.71 21.07
C THR A 146 13.01 -12.04 19.71
N THR A 147 14.04 -11.22 19.43
CA THR A 147 14.14 -10.55 18.13
C THR A 147 14.18 -11.57 17.00
N ALA A 148 14.98 -12.63 17.17
CA ALA A 148 15.06 -13.67 16.15
C ALA A 148 13.70 -14.34 15.94
N GLN A 149 12.96 -14.60 17.02
CA GLN A 149 11.63 -15.19 16.87
C GLN A 149 10.67 -14.21 16.23
N LEU A 150 10.74 -12.94 16.65
CA LEU A 150 9.96 -11.89 16.02
C LEU A 150 10.15 -11.90 14.50
N ARG A 151 11.41 -11.90 14.07
CA ARG A 151 11.70 -11.83 12.64
C ARG A 151 11.27 -13.08 11.90
N SER A 152 11.22 -14.23 12.59
CA SER A 152 10.83 -15.47 11.93
C SER A 152 9.34 -15.52 11.62
N ARG A 153 8.52 -14.75 12.35
CA ARG A 153 7.07 -14.74 12.18
C ARG A 153 6.48 -16.15 12.22
N SER A 154 7.05 -16.98 13.09
CA SER A 154 6.66 -18.37 13.18
C SER A 154 5.42 -18.61 14.03
N TRP A 155 4.95 -17.61 14.78
CA TRP A 155 3.89 -17.89 15.73
C TRP A 155 2.49 -17.79 15.12
N TRP A 156 2.38 -17.28 13.90
CA TRP A 156 1.17 -17.38 13.09
C TRP A 156 1.58 -17.86 11.72
N SER A 157 0.60 -18.32 10.95
CA SER A 157 0.87 -18.81 9.61
C SER A 157 -0.28 -18.41 8.69
N GLY A 158 0.04 -18.09 7.43
CA GLY A 158 -0.95 -17.69 6.46
C GLY A 158 -0.46 -16.54 5.60
N PHE A 159 -1.39 -15.81 5.01
CA PHE A 159 -1.05 -14.75 4.05
C PHE A 159 -0.78 -13.44 4.77
N ASP A 160 0.12 -12.65 4.18
CA ASP A 160 0.14 -11.22 4.43
C ASP A 160 -1.13 -10.59 3.88
N VAL A 161 -1.51 -9.44 4.43
CA VAL A 161 -2.66 -8.70 3.94
C VAL A 161 -2.18 -7.37 3.39
N VAL A 162 -2.58 -7.04 2.17
CA VAL A 162 -2.34 -5.72 1.59
C VAL A 162 -3.65 -4.96 1.61
N LEU A 163 -3.66 -3.85 2.35
CA LEU A 163 -4.82 -2.95 2.39
C LEU A 163 -4.57 -1.88 1.32
N LEU A 164 -5.23 -2.04 0.18
CA LEU A 164 -4.98 -1.21 -1.00
C LEU A 164 -6.00 -0.08 -1.04
N VAL A 165 -5.56 1.15 -0.80
CA VAL A 165 -6.47 2.27 -0.54
C VAL A 165 -6.23 3.36 -1.58
N ASP A 166 -7.24 3.65 -2.39
CA ASP A 166 -7.17 4.74 -3.35
C ASP A 166 -7.98 5.93 -2.82
N ASP A 167 -7.52 7.13 -3.15
CA ASP A 167 -8.28 8.35 -2.88
C ASP A 167 -8.60 8.49 -1.39
N TRP A 168 -7.53 8.42 -0.58
CA TRP A 168 -7.69 8.52 0.88
C TRP A 168 -8.37 9.83 1.27
N HIS A 169 -8.09 10.92 0.56
CA HIS A 169 -8.75 12.20 0.88
C HIS A 169 -10.27 12.08 0.78
N MET A 170 -10.75 11.30 -0.19
CA MET A 170 -12.18 11.08 -0.36
C MET A 170 -12.76 10.22 0.76
N ILE A 171 -12.03 9.18 1.16
CA ILE A 171 -12.46 8.34 2.28
C ILE A 171 -12.56 9.17 3.54
N VAL A 172 -11.54 9.98 3.82
CA VAL A 172 -11.60 10.86 4.99
C VAL A 172 -12.75 11.85 4.86
N GLY A 173 -12.94 12.39 3.64
CA GLY A 173 -13.98 13.40 3.44
C GLY A 173 -15.39 12.86 3.60
N ALA A 174 -15.62 11.59 3.28
CA ALA A 174 -16.94 11.00 3.44
C ALA A 174 -17.11 10.30 4.77
N ALA A 175 -16.12 10.38 5.65
CA ALA A 175 -16.15 9.64 6.91
C ALA A 175 -17.30 10.11 7.78
N GLY A 176 -18.31 9.26 7.95
CA GLY A 176 -19.42 9.56 8.83
C GLY A 176 -19.39 8.71 10.07
N GLY A 177 -18.91 9.28 11.18
CA GLY A 177 -18.92 8.60 12.45
C GLY A 177 -17.55 8.37 13.04
N MET A 178 -17.12 7.12 13.08
CA MET A 178 -15.76 6.81 13.48
C MET A 178 -14.79 7.22 12.37
N PRO A 179 -13.67 7.85 12.71
CA PRO A 179 -12.68 8.19 11.69
C PRO A 179 -12.19 6.92 11.01
N PRO A 180 -12.02 6.94 9.69
CA PRO A 180 -11.75 5.70 8.97
C PRO A 180 -10.46 5.07 9.45
N MET A 181 -10.45 3.73 9.49
CA MET A 181 -9.31 2.89 9.87
C MET A 181 -9.01 2.90 11.36
N ALA A 182 -9.87 3.49 12.18
CA ALA A 182 -9.61 3.51 13.62
C ALA A 182 -9.36 2.12 14.22
N PRO A 183 -10.06 1.05 13.85
CA PRO A 183 -9.74 -0.26 14.47
C PRO A 183 -8.33 -0.75 14.17
N LEU A 184 -7.70 -0.24 13.11
CA LEU A 184 -6.36 -0.66 12.73
C LEU A 184 -5.28 0.19 13.37
N ALA A 185 -5.59 1.40 13.80
CA ALA A 185 -4.58 2.28 14.37
C ALA A 185 -3.80 1.66 15.52
N PRO A 186 -4.41 0.91 16.47
CA PRO A 186 -3.59 0.25 17.50
C PRO A 186 -2.72 -0.88 16.96
N LEU A 187 -3.02 -1.40 15.77
CA LEU A 187 -2.25 -2.49 15.19
C LEU A 187 -1.11 -2.03 14.31
N LEU A 188 -1.12 -0.75 13.88
CA LEU A 188 -0.10 -0.29 12.94
C LEU A 188 1.33 -0.39 13.46
N PRO A 189 1.63 -0.10 14.74
CA PRO A 189 3.01 -0.30 15.21
C PRO A 189 3.55 -1.70 14.99
N ALA A 190 2.69 -2.72 14.97
CA ALA A 190 3.13 -4.11 14.78
C ALA A 190 2.88 -4.62 13.36
N ALA A 191 2.64 -3.71 12.42
CA ALA A 191 2.25 -4.11 11.06
C ALA A 191 3.25 -5.08 10.44
N ALA A 192 4.55 -4.84 10.64
CA ALA A 192 5.55 -5.75 10.09
C ALA A 192 5.43 -7.13 10.71
N ASP A 193 5.14 -7.21 12.01
CA ASP A 193 5.07 -8.51 12.67
C ASP A 193 3.82 -9.29 12.30
N ILE A 194 2.73 -8.60 11.93
CA ILE A 194 1.46 -9.27 11.67
C ILE A 194 1.18 -9.40 10.17
N GLY A 195 2.14 -9.02 9.31
CA GLY A 195 1.96 -9.23 7.89
C GLY A 195 1.02 -8.25 7.23
N LEU A 196 0.87 -7.05 7.78
CA LEU A 196 -0.01 -6.05 7.20
C LEU A 196 0.78 -5.04 6.38
N HIS A 197 0.28 -4.74 5.17
CA HIS A 197 0.85 -3.72 4.31
C HIS A 197 -0.25 -2.76 3.89
N ILE A 198 -0.06 -1.47 4.12
CA ILE A 198 -0.97 -0.47 3.56
C ILE A 198 -0.29 0.20 2.37
N ILE A 199 -1.02 0.28 1.26
CA ILE A 199 -0.61 1.01 0.07
C ILE A 199 -1.72 2.02 -0.20
N VAL A 200 -1.40 3.30 -0.04
CA VAL A 200 -2.42 4.35 0.05
C VAL A 200 -2.08 5.47 -0.91
N THR A 201 -3.03 5.85 -1.76
CA THR A 201 -2.89 7.05 -2.57
C THR A 201 -3.75 8.17 -1.99
N CYS A 202 -3.32 9.41 -2.23
CA CYS A 202 -3.96 10.61 -1.72
C CYS A 202 -3.68 11.75 -2.68
N GLN A 203 -4.70 12.57 -2.95
CA GLN A 203 -4.47 13.75 -3.76
C GLN A 203 -3.51 14.70 -3.04
N MET A 204 -2.63 15.33 -3.81
CA MET A 204 -1.54 16.08 -3.20
C MET A 204 -2.07 17.25 -2.37
N SER A 205 -3.15 17.90 -2.82
CA SER A 205 -3.73 19.03 -2.11
C SER A 205 -4.17 18.70 -0.69
N GLN A 206 -4.25 17.41 -0.34
CA GLN A 206 -4.62 16.98 0.98
C GLN A 206 -3.60 16.04 1.60
N ALA A 207 -2.49 15.77 0.91
CA ALA A 207 -1.52 14.82 1.44
C ALA A 207 -0.76 15.39 2.65
N TYR A 208 -0.50 16.69 2.69
CA TYR A 208 0.30 17.26 3.77
C TYR A 208 -0.40 17.09 5.10
N LYS A 209 -1.71 17.38 5.12
CA LYS A 209 -2.49 17.18 6.33
C LYS A 209 -2.65 15.69 6.63
N ALA A 210 -2.77 14.85 5.60
CA ALA A 210 -2.84 13.39 5.79
C ALA A 210 -1.61 12.86 6.51
N THR A 211 -0.42 13.44 6.27
CA THR A 211 0.76 12.93 6.96
C THR A 211 0.74 13.20 8.45
N MET A 212 -0.27 13.89 8.96
CA MET A 212 -0.42 14.08 10.38
C MET A 212 -1.53 13.21 10.97
N ASP A 213 -2.28 12.46 10.15
CA ASP A 213 -3.42 11.73 10.67
C ASP A 213 -2.96 10.39 11.24
N LYS A 214 -3.91 9.55 11.67
CA LYS A 214 -3.60 8.35 12.43
C LYS A 214 -3.51 7.11 11.55
N PHE A 215 -3.61 7.27 10.23
CA PHE A 215 -3.45 6.16 9.29
C PHE A 215 -2.31 6.45 8.31
N VAL A 216 -2.52 7.34 7.35
CA VAL A 216 -1.45 7.74 6.45
C VAL A 216 -0.29 8.34 7.24
N GLY A 217 -0.62 9.17 8.23
CA GLY A 217 0.41 9.87 8.99
C GLY A 217 1.19 8.97 9.93
N ALA A 218 0.54 7.90 10.42
CA ALA A 218 1.29 6.89 11.17
C ALA A 218 2.36 6.24 10.30
N ALA A 219 1.97 5.80 9.10
CA ALA A 219 2.90 5.18 8.17
C ALA A 219 4.02 6.14 7.79
N PHE A 220 3.65 7.36 7.40
CA PHE A 220 4.62 8.38 7.02
C PHE A 220 5.57 8.68 8.16
N GLY A 221 5.04 8.86 9.37
CA GLY A 221 5.89 9.25 10.49
C GLY A 221 6.90 8.20 10.88
N SER A 222 6.63 6.93 10.59
CA SER A 222 7.56 5.86 10.92
C SER A 222 8.41 5.46 9.71
N GLY A 223 8.42 6.28 8.66
CA GLY A 223 9.38 6.11 7.59
C GLY A 223 8.93 5.31 6.38
N ALA A 224 7.63 5.25 6.12
CA ALA A 224 7.16 4.55 4.93
C ALA A 224 7.66 5.28 3.67
N PRO A 225 8.11 4.56 2.65
CA PRO A 225 8.50 5.23 1.40
C PRO A 225 7.31 5.98 0.84
N THR A 226 7.59 7.18 0.34
CA THR A 226 6.53 8.06 -0.14
C THR A 226 6.89 8.54 -1.53
N MET A 227 5.96 8.34 -2.45
CA MET A 227 6.11 8.69 -3.85
C MET A 227 5.38 10.02 -4.09
N PHE A 228 6.14 11.07 -4.40
CA PHE A 228 5.58 12.40 -4.64
C PHE A 228 5.45 12.58 -6.15
N LEU A 229 4.24 12.35 -6.68
CA LEU A 229 3.98 12.59 -8.08
C LEU A 229 3.81 14.09 -8.32
N SER A 230 3.29 14.47 -9.47
CA SER A 230 3.06 15.88 -9.78
C SER A 230 2.32 16.55 -8.62
N GLY A 231 2.75 17.76 -8.28
CA GLY A 231 2.07 18.55 -7.28
C GLY A 231 2.62 19.96 -7.28
N GLU A 232 1.89 20.86 -6.64
CA GLU A 232 2.40 22.21 -6.54
C GLU A 232 3.19 22.37 -5.25
N LYS A 233 4.19 23.25 -5.29
CA LYS A 233 5.14 23.37 -4.19
C LYS A 233 4.45 23.71 -2.87
N GLN A 234 3.43 24.57 -2.89
CA GLN A 234 2.79 24.96 -1.63
C GLN A 234 1.89 23.87 -1.04
N GLU A 235 1.54 22.84 -1.82
CA GLU A 235 0.70 21.76 -1.32
C GLU A 235 1.44 20.84 -0.37
N PHE A 236 2.76 20.78 -0.46
CA PHE A 236 3.57 19.97 0.46
C PHE A 236 4.88 20.70 0.74
N PRO A 237 4.85 21.70 1.62
CA PRO A 237 6.06 22.49 1.89
C PRO A 237 7.18 21.62 2.43
N SER A 238 8.33 21.69 1.78
CA SER A 238 9.47 20.88 2.15
C SER A 238 10.72 21.48 1.53
N SER A 239 11.76 21.67 2.33
CA SER A 239 13.05 22.04 1.80
C SER A 239 13.88 20.83 1.37
N GLU A 240 13.50 19.63 1.83
CA GLU A 240 14.23 18.41 1.50
C GLU A 240 13.67 17.70 0.28
N PHE A 241 12.34 17.66 0.15
CA PHE A 241 11.66 17.00 -0.94
C PHE A 241 11.43 17.98 -2.08
N LYS A 242 11.39 17.45 -3.31
CA LYS A 242 11.22 18.26 -4.52
C LYS A 242 9.81 18.04 -5.08
N VAL A 243 8.86 18.84 -4.61
CA VAL A 243 7.48 18.75 -5.07
C VAL A 243 7.25 19.81 -6.12
N LYS A 244 6.93 19.39 -7.34
CA LYS A 244 6.76 20.28 -8.47
C LYS A 244 5.87 19.59 -9.50
N ARG A 245 5.47 20.34 -10.52
CA ARG A 245 4.67 19.74 -11.57
C ARG A 245 5.50 18.75 -12.37
N ARG A 246 4.90 17.61 -12.70
CA ARG A 246 5.59 16.53 -13.41
C ARG A 246 4.61 15.84 -14.35
N PRO A 247 5.10 15.20 -15.40
CA PRO A 247 4.23 14.38 -16.24
C PRO A 247 3.75 13.16 -15.48
N PRO A 248 2.65 12.54 -15.90
CA PRO A 248 2.08 11.42 -15.15
C PRO A 248 3.09 10.29 -14.93
N GLY A 249 3.08 9.72 -13.73
CA GLY A 249 3.98 8.64 -13.36
C GLY A 249 5.34 9.06 -12.87
N GLN A 250 5.80 10.27 -13.19
CA GLN A 250 7.10 10.72 -12.71
C GLN A 250 6.98 11.21 -11.27
N ALA A 251 7.92 10.79 -10.42
CA ALA A 251 7.76 11.02 -9.00
C ALA A 251 9.10 11.21 -8.32
N PHE A 252 9.07 11.97 -7.23
CA PHE A 252 10.20 12.10 -6.31
C PHE A 252 9.94 11.12 -5.18
N LEU A 253 10.75 10.06 -5.13
CA LEU A 253 10.57 9.00 -4.14
C LEU A 253 11.45 9.27 -2.93
N VAL A 254 10.83 9.26 -1.75
CA VAL A 254 11.52 9.50 -0.49
C VAL A 254 11.37 8.27 0.40
N SER A 255 12.48 7.79 0.95
CA SER A 255 12.46 6.64 1.83
C SER A 255 13.59 6.81 2.84
N PRO A 256 13.66 5.95 3.85
CA PRO A 256 14.82 6.00 4.77
C PRO A 256 16.14 5.72 4.08
N ASP A 257 16.12 5.11 2.89
CA ASP A 257 17.35 4.85 2.16
C ASP A 257 17.84 6.06 1.37
N GLY A 258 16.95 6.95 0.94
CA GLY A 258 17.37 8.13 0.21
C GLY A 258 16.21 8.79 -0.53
N LYS A 259 16.58 9.76 -1.37
CA LYS A 259 15.64 10.52 -2.19
C LYS A 259 16.09 10.48 -3.63
N GLU A 260 15.16 10.23 -4.56
CA GLU A 260 15.52 10.05 -5.95
C GLU A 260 14.29 10.15 -6.83
N VAL A 261 14.50 10.62 -8.05
CA VAL A 261 13.42 10.72 -9.04
C VAL A 261 13.23 9.38 -9.72
N ILE A 262 11.97 8.97 -9.89
CA ILE A 262 11.66 7.71 -10.53
C ILE A 262 10.55 7.92 -11.56
N GLN A 263 10.38 6.92 -12.43
CA GLN A 263 9.21 6.80 -13.29
C GLN A 263 8.49 5.52 -12.87
N ALA A 264 7.28 5.70 -12.31
CA ALA A 264 6.48 4.61 -11.77
C ALA A 264 5.81 3.80 -12.88
N PRO A 265 5.56 2.50 -12.65
CA PRO A 265 5.07 1.65 -13.73
C PRO A 265 3.66 2.03 -14.19
N TYR A 266 3.45 1.87 -15.50
CA TYR A 266 2.14 2.01 -16.12
C TYR A 266 1.52 0.65 -16.37
N ILE A 267 0.18 0.60 -16.35
CA ILE A 267 -0.54 -0.60 -16.73
C ILE A 267 -1.86 -0.18 -17.36
N GLU A 268 -2.35 -0.99 -18.29
CA GLU A 268 -3.57 -0.63 -18.99
C GLU A 268 -4.78 -0.68 -18.05
N PRO A 269 -5.71 0.25 -18.19
CA PRO A 269 -6.90 0.19 -17.33
C PRO A 269 -7.83 -0.90 -17.78
N PRO A 270 -8.67 -1.44 -16.88
CA PRO A 270 -9.66 -2.44 -17.25
C PRO A 270 -10.91 -1.82 -17.91
N ASP B 91 -26.93 -12.82 17.96
CA ASP B 91 -26.17 -11.58 18.00
C ASP B 91 -24.94 -11.72 18.90
N GLU B 92 -24.25 -12.83 18.71
CA GLU B 92 -22.90 -13.06 19.21
C GLU B 92 -22.16 -13.74 18.07
N GLU B 93 -22.76 -14.81 17.55
CA GLU B 93 -22.42 -15.33 16.24
C GLU B 93 -22.54 -14.24 15.17
N GLN B 94 -23.45 -13.28 15.38
CA GLN B 94 -23.71 -12.26 14.37
C GLN B 94 -22.57 -11.26 14.29
N GLN B 95 -21.97 -10.90 15.43
CA GLN B 95 -20.90 -9.91 15.43
C GLN B 95 -19.61 -10.43 14.79
N GLN B 96 -19.40 -11.75 14.80
CA GLN B 96 -18.23 -12.36 14.19
C GLN B 96 -18.53 -12.99 12.85
N ALA B 97 -19.72 -12.74 12.29
CA ALA B 97 -20.12 -13.40 11.05
C ALA B 97 -19.24 -12.98 9.88
N LEU B 98 -18.67 -11.78 9.95
CA LEU B 98 -17.73 -11.32 8.92
C LEU B 98 -16.29 -11.73 9.23
N SER B 99 -15.77 -11.41 10.42
CA SER B 99 -14.38 -11.68 10.73
C SER B 99 -14.05 -13.17 10.67
N SER B 100 -15.01 -14.05 10.97
CA SER B 100 -14.75 -15.49 10.95
C SER B 100 -14.69 -16.07 9.54
N GLN B 101 -15.00 -15.29 8.51
CA GLN B 101 -15.08 -15.79 7.14
C GLN B 101 -14.03 -15.16 6.23
N MET B 102 -13.00 -14.56 6.79
CA MET B 102 -12.01 -13.91 5.92
C MET B 102 -10.85 -14.83 5.55
N GLY B 103 -10.86 -16.09 6.01
CA GLY B 103 -9.87 -17.04 5.55
C GLY B 103 -8.60 -17.11 6.36
N PHE B 104 -8.53 -16.44 7.51
CA PHE B 104 -7.35 -16.53 8.36
C PHE B 104 -7.26 -17.92 8.99
#